data_9H5O
#
_entry.id   9H5O
#
_cell.length_a   62.28
_cell.length_b   69.71
_cell.length_c   114.53
_cell.angle_alpha   90
_cell.angle_beta   90
_cell.angle_gamma   90
#
_symmetry.space_group_name_H-M   'P 21 21 21'
#
loop_
_entity.id
_entity.type
_entity.pdbx_description
1 polymer 'Nicotinamide N-methyltransferase'
2 non-polymer 1,4-dimethyl-6-(methylamino)pyridine-3-carboxamide
3 non-polymer S-ADENOSYL-L-HOMOCYSTEINE
4 water water
#
_entity_poly.entity_id   1
_entity_poly.type   'polypeptide(L)'
_entity_poly.pdbx_seq_one_letter_code
;HNHNHNHNHNHNAAAENLYFQSGFTSKDTYLSHFNPRDYLEKYYKFGSRHSAESQILKHLLKNLFKIFCLDGVKGDLLID
IGSGPTIYQLLSACESFKEIVVTDYSDQNLQELEKWLKAAPAAFDWSPVVTYVCDLEGNRVKGPEKEEKLRQAVKQVLKC
DVTQSQPLGAVPLPPADCVLSTLCLDAACPDLPTYCRALRNLGSLLKPGGFLVIMDALKSSYYMIGEQKFSSLPLGREAV
EAAVKEAGYTIEWFEVISQSYSSTMANNEGLFSLVARKLS
;
_entity_poly.pdbx_strand_id   B,D
#
# COMPACT_ATOMS: atom_id res chain seq x y z
N PHE A 24 -31.80 4.94 -8.19
CA PHE A 24 -30.39 4.89 -8.62
C PHE A 24 -30.25 5.37 -10.07
N THR A 25 -29.21 6.19 -10.36
CA THR A 25 -28.89 6.70 -11.71
C THR A 25 -29.04 5.59 -12.76
N SER A 26 -29.86 5.82 -13.80
CA SER A 26 -29.99 4.84 -14.88
C SER A 26 -28.73 4.92 -15.77
N LYS A 27 -28.30 3.79 -16.38
CA LYS A 27 -27.07 3.81 -17.19
C LYS A 27 -27.16 4.75 -18.39
N ASP A 28 -28.37 4.96 -18.97
CA ASP A 28 -28.49 5.91 -20.09
C ASP A 28 -28.11 7.36 -19.69
N THR A 29 -28.14 7.67 -18.37
CA THR A 29 -27.75 9.00 -17.84
C THR A 29 -26.25 9.26 -18.10
N TYR A 30 -25.42 8.18 -18.08
CA TYR A 30 -23.99 8.26 -18.37
C TYR A 30 -23.71 8.60 -19.82
N LEU A 31 -24.63 8.23 -20.72
CA LEU A 31 -24.46 8.53 -22.14
C LEU A 31 -24.64 10.03 -22.45
N SER A 32 -25.63 10.65 -21.79
CA SER A 32 -26.04 12.04 -22.05
C SER A 32 -25.59 13.09 -21.01
N HIS A 33 -25.60 12.77 -19.70
CA HIS A 33 -25.38 13.76 -18.64
C HIS A 33 -24.01 13.75 -17.94
N PHE A 34 -23.14 12.80 -18.30
CA PHE A 34 -21.81 12.75 -17.73
C PHE A 34 -20.95 13.57 -18.67
N ASN A 35 -20.54 14.79 -18.23
CA ASN A 35 -19.70 15.68 -19.04
C ASN A 35 -18.21 15.32 -18.81
N PRO A 36 -17.52 14.66 -19.78
CA PRO A 36 -16.11 14.24 -19.53
C PRO A 36 -15.15 15.39 -19.20
N ARG A 37 -15.24 16.52 -19.94
CA ARG A 37 -14.38 17.69 -19.72
C ARG A 37 -14.57 18.27 -18.32
N ASP A 38 -15.83 18.38 -17.87
CA ASP A 38 -16.18 18.89 -16.54
C ASP A 38 -15.68 17.93 -15.45
N TYR A 39 -15.80 16.61 -15.69
CA TYR A 39 -15.32 15.59 -14.76
C TYR A 39 -13.79 15.73 -14.55
N LEU A 40 -13.03 15.87 -15.65
CA LEU A 40 -11.57 16.03 -15.61
C LEU A 40 -11.17 17.31 -14.90
N GLU A 41 -11.93 18.41 -15.13
CA GLU A 41 -11.66 19.72 -14.51
C GLU A 41 -11.87 19.67 -13.00
N LYS A 42 -12.95 18.99 -12.57
CA LYS A 42 -13.34 18.87 -11.17
C LYS A 42 -12.47 17.94 -10.34
N TYR A 43 -12.00 16.84 -10.92
CA TYR A 43 -11.26 15.83 -10.14
C TYR A 43 -9.79 15.61 -10.52
N TYR A 44 -9.40 15.91 -11.77
CA TYR A 44 -8.05 15.59 -12.22
C TYR A 44 -7.21 16.78 -12.73
N GLU A 53 -9.00 16.20 -3.60
CA GLU A 53 -9.02 15.52 -4.88
C GLU A 53 -7.59 15.18 -5.32
N SER A 54 -6.61 16.09 -5.09
CA SER A 54 -5.22 15.83 -5.47
C SER A 54 -4.54 14.83 -4.54
N GLN A 55 -4.90 14.83 -3.24
CA GLN A 55 -4.34 13.89 -2.26
C GLN A 55 -4.75 12.45 -2.63
N ILE A 56 -6.01 12.30 -3.08
CA ILE A 56 -6.55 11.00 -3.50
C ILE A 56 -5.82 10.51 -4.76
N LEU A 57 -5.71 11.40 -5.78
CA LEU A 57 -5.03 11.09 -7.04
C LEU A 57 -3.58 10.64 -6.79
N LYS A 58 -2.86 11.33 -5.88
CA LYS A 58 -1.48 10.95 -5.52
C LYS A 58 -1.45 9.53 -4.96
N HIS A 59 -2.37 9.24 -4.01
CA HIS A 59 -2.45 7.91 -3.43
C HIS A 59 -2.76 6.83 -4.48
N LEU A 60 -3.74 7.08 -5.38
CA LEU A 60 -4.07 6.12 -6.43
C LEU A 60 -2.83 5.81 -7.29
N LEU A 61 -2.09 6.86 -7.68
CA LEU A 61 -0.87 6.73 -8.49
C LEU A 61 0.23 5.90 -7.80
N LYS A 62 0.44 6.12 -6.49
CA LYS A 62 1.43 5.35 -5.70
C LYS A 62 1.04 3.87 -5.68
N ASN A 63 -0.26 3.58 -5.44
CA ASN A 63 -0.76 2.19 -5.42
C ASN A 63 -0.63 1.50 -6.77
N LEU A 64 -0.97 2.20 -7.86
CA LEU A 64 -0.87 1.62 -9.20
C LEU A 64 0.61 1.36 -9.58
N PHE A 65 1.52 2.26 -9.14
CA PHE A 65 2.97 2.08 -9.35
C PHE A 65 3.43 0.83 -8.60
N LYS A 66 3.01 0.68 -7.32
CA LYS A 66 3.35 -0.48 -6.50
C LYS A 66 2.90 -1.79 -7.17
N ILE A 67 1.62 -1.85 -7.61
CA ILE A 67 1.01 -3.03 -8.23
C ILE A 67 1.68 -3.46 -9.54
N PHE A 68 1.89 -2.51 -10.47
CA PHE A 68 2.40 -2.84 -11.80
C PHE A 68 3.93 -2.80 -11.95
N CYS A 69 4.60 -1.88 -11.26
CA CYS A 69 6.06 -1.78 -11.45
C CYS A 69 6.89 -2.45 -10.34
N LEU A 70 6.32 -2.62 -9.13
CA LEU A 70 7.08 -3.26 -8.04
C LEU A 70 6.60 -4.68 -7.80
N GLY A 72 5.37 -6.06 -10.55
CA GLY A 72 4.72 -7.28 -10.07
C GLY A 72 3.68 -7.84 -11.03
N VAL A 73 2.57 -7.11 -11.22
CA VAL A 73 1.47 -7.51 -12.12
C VAL A 73 1.85 -7.12 -13.54
N LYS A 74 1.85 -8.11 -14.44
CA LYS A 74 2.27 -7.95 -15.84
C LYS A 74 1.58 -8.94 -16.77
N GLY A 75 1.80 -8.74 -18.05
CA GLY A 75 1.24 -9.63 -19.05
C GLY A 75 1.21 -9.05 -20.43
N ASP A 76 0.53 -9.75 -21.33
CA ASP A 76 0.39 -9.29 -22.69
C ASP A 76 -0.81 -8.37 -22.83
N LEU A 77 -1.85 -8.58 -21.99
CA LEU A 77 -3.09 -7.81 -22.07
C LEU A 77 -3.71 -7.40 -20.74
N LEU A 78 -4.00 -6.08 -20.63
CA LEU A 78 -4.72 -5.48 -19.50
C LEU A 78 -5.99 -4.84 -20.07
N ILE A 79 -7.14 -5.12 -19.45
CA ILE A 79 -8.39 -4.47 -19.83
C ILE A 79 -8.75 -3.49 -18.70
N ASP A 80 -8.87 -2.18 -19.04
CA ASP A 80 -9.29 -1.17 -18.06
C ASP A 80 -10.80 -0.98 -18.23
N ILE A 81 -11.57 -1.32 -17.17
CA ILE A 81 -13.04 -1.30 -17.14
C ILE A 81 -13.58 0.04 -16.56
N GLY A 82 -14.45 0.72 -17.30
CA GLY A 82 -15.02 1.99 -16.84
C GLY A 82 -13.98 3.09 -16.74
N SER A 83 -13.12 3.15 -17.77
CA SER A 83 -12.02 4.09 -17.93
C SER A 83 -12.49 5.54 -17.82
N GLY A 84 -13.72 5.81 -18.26
CA GLY A 84 -14.26 7.17 -18.34
C GLY A 84 -13.35 7.96 -19.28
N PRO A 85 -13.10 9.26 -19.02
CA PRO A 85 -12.19 10.02 -19.88
C PRO A 85 -10.75 10.10 -19.32
N THR A 86 -10.39 9.21 -18.36
CA THR A 86 -9.09 9.32 -17.70
C THR A 86 -8.02 8.35 -18.21
N ILE A 87 -6.74 8.75 -18.06
CA ILE A 87 -5.57 7.94 -18.47
C ILE A 87 -4.60 7.71 -17.30
N TYR A 88 -4.80 8.40 -16.16
CA TYR A 88 -3.92 8.33 -15.00
C TYR A 88 -3.71 6.88 -14.48
N GLN A 89 -4.78 6.06 -14.56
CA GLN A 89 -4.78 4.68 -14.05
C GLN A 89 -3.97 3.71 -14.94
N LEU A 90 -3.48 4.21 -16.10
CA LEU A 90 -2.74 3.42 -17.09
C LEU A 90 -1.25 3.77 -17.20
N LEU A 91 -0.83 4.88 -16.57
CA LEU A 91 0.54 5.38 -16.67
C LEU A 91 1.61 4.37 -16.19
N SER A 92 1.38 3.67 -15.07
CA SER A 92 2.36 2.65 -14.64
C SER A 92 2.12 1.32 -15.33
N ALA A 93 0.83 1.00 -15.68
CA ALA A 93 0.44 -0.24 -16.37
C ALA A 93 1.10 -0.40 -17.75
N CYS A 94 1.32 0.71 -18.48
CA CYS A 94 1.93 0.63 -19.82
C CYS A 94 3.41 0.15 -19.78
N GLU A 95 4.01 0.15 -18.58
CA GLU A 95 5.38 -0.33 -18.40
C GLU A 95 5.41 -1.86 -18.26
N SER A 96 4.25 -2.46 -17.92
CA SER A 96 4.12 -3.90 -17.63
C SER A 96 3.23 -4.69 -18.59
N PHE A 97 2.47 -4.01 -19.46
CA PHE A 97 1.57 -4.69 -20.38
C PHE A 97 1.83 -4.24 -21.80
N LYS A 98 2.03 -5.22 -22.71
CA LYS A 98 2.28 -4.99 -24.13
C LYS A 98 1.10 -4.28 -24.77
N GLU A 99 -0.13 -4.71 -24.42
CA GLU A 99 -1.37 -4.17 -24.95
C GLU A 99 -2.33 -3.81 -23.80
N ILE A 100 -2.97 -2.63 -23.94
CA ILE A 100 -3.96 -2.13 -23.02
C ILE A 100 -5.22 -1.85 -23.82
N VAL A 101 -6.37 -2.36 -23.34
CA VAL A 101 -7.67 -2.11 -23.94
C VAL A 101 -8.46 -1.22 -22.95
N VAL A 102 -8.92 -0.03 -23.41
CA VAL A 102 -9.68 0.91 -22.59
C VAL A 102 -11.17 0.78 -22.90
N THR A 103 -12.02 0.74 -21.85
CA THR A 103 -13.45 0.52 -22.06
C THR A 103 -14.34 1.42 -21.19
N ASP A 104 -15.56 1.71 -21.67
CA ASP A 104 -16.50 2.51 -20.90
C ASP A 104 -17.89 2.38 -21.47
N TYR A 105 -18.90 2.69 -20.66
CA TYR A 105 -20.28 2.65 -21.13
C TYR A 105 -20.60 3.86 -22.01
N SER A 106 -19.98 5.02 -21.73
CA SER A 106 -20.23 6.28 -22.42
C SER A 106 -19.36 6.54 -23.65
N ASP A 107 -20.01 6.77 -24.82
CA ASP A 107 -19.33 7.10 -26.08
C ASP A 107 -18.62 8.47 -25.96
N GLN A 108 -19.25 9.46 -25.28
CA GLN A 108 -18.64 10.78 -25.04
C GLN A 108 -17.30 10.62 -24.29
N ASN A 109 -17.27 9.73 -23.27
CA ASN A 109 -16.06 9.47 -22.47
C ASN A 109 -14.94 8.92 -23.32
N LEU A 110 -15.26 7.93 -24.18
CA LEU A 110 -14.29 7.30 -25.09
C LEU A 110 -13.75 8.31 -26.13
N GLN A 111 -14.61 9.27 -26.55
CA GLN A 111 -14.20 10.32 -27.50
C GLN A 111 -13.17 11.25 -26.84
N GLU A 112 -13.36 11.59 -25.54
CA GLU A 112 -12.41 12.42 -24.78
C GLU A 112 -11.07 11.69 -24.63
N LEU A 113 -11.11 10.36 -24.32
CA LEU A 113 -9.93 9.48 -24.20
C LEU A 113 -9.12 9.53 -25.49
N GLU A 114 -9.81 9.28 -26.64
CA GLU A 114 -9.25 9.23 -27.98
C GLU A 114 -8.60 10.56 -28.40
N LYS A 115 -9.16 11.70 -27.94
CA LYS A 115 -8.57 13.04 -28.18
C LYS A 115 -7.16 13.07 -27.58
N TRP A 116 -6.97 12.53 -26.35
CA TRP A 116 -5.65 12.47 -25.74
C TRP A 116 -4.75 11.44 -26.45
N LEU A 117 -5.28 10.25 -26.76
CA LEU A 117 -4.57 9.17 -27.45
C LEU A 117 -4.01 9.62 -28.81
N LYS A 118 -4.79 10.42 -29.57
CA LYS A 118 -4.42 10.93 -30.89
C LYS A 118 -3.67 12.27 -30.82
N ALA A 119 -3.41 12.77 -29.59
CA ALA A 119 -2.74 14.05 -29.28
C ALA A 119 -3.42 15.24 -29.96
N ALA A 120 -4.75 15.30 -29.81
CA ALA A 120 -5.60 16.36 -30.33
C ALA A 120 -5.34 17.69 -29.58
N PRO A 121 -5.71 18.86 -30.16
CA PRO A 121 -5.49 20.15 -29.47
C PRO A 121 -6.34 20.35 -28.21
N ALA A 122 -7.64 20.00 -28.30
CA ALA A 122 -8.64 20.12 -27.23
C ALA A 122 -8.54 18.99 -26.18
N ALA A 123 -7.51 18.13 -26.29
CA ALA A 123 -7.24 17.03 -25.36
C ALA A 123 -6.86 17.60 -24.00
N PHE A 124 -7.18 16.86 -22.92
CA PHE A 124 -6.89 17.29 -21.56
C PHE A 124 -5.38 17.28 -21.27
N ASP A 125 -4.94 18.24 -20.45
CA ASP A 125 -3.55 18.38 -20.04
C ASP A 125 -3.25 17.48 -18.83
N TRP A 126 -2.64 16.31 -19.10
CA TRP A 126 -2.24 15.31 -18.10
C TRP A 126 -0.78 15.49 -17.65
N SER A 127 -0.05 16.45 -18.26
CA SER A 127 1.38 16.71 -17.97
C SER A 127 1.75 16.76 -16.46
N PRO A 128 1.00 17.41 -15.51
CA PRO A 128 1.42 17.36 -14.09
C PRO A 128 1.30 15.96 -13.47
N VAL A 129 0.31 15.17 -13.94
CA VAL A 129 0.09 13.79 -13.48
C VAL A 129 1.21 12.90 -14.07
N VAL A 130 1.51 13.08 -15.38
CA VAL A 130 2.58 12.35 -16.09
C VAL A 130 3.94 12.58 -15.40
N THR A 131 4.24 13.85 -15.03
CA THR A 131 5.48 14.24 -14.35
C THR A 131 5.57 13.52 -13.00
N TYR A 132 4.44 13.49 -12.25
CA TYR A 132 4.36 12.84 -10.95
C TYR A 132 4.72 11.35 -11.04
N VAL A 133 4.17 10.64 -12.04
CA VAL A 133 4.45 9.21 -12.27
C VAL A 133 5.93 8.98 -12.64
N CYS A 134 6.50 9.84 -13.51
CA CYS A 134 7.92 9.77 -13.88
C CYS A 134 8.83 9.88 -12.64
N ASP A 135 8.47 10.76 -11.66
CA ASP A 135 9.19 10.92 -10.39
C ASP A 135 9.13 9.63 -9.55
N LEU A 136 7.92 9.04 -9.37
CA LEU A 136 7.71 7.80 -8.61
C LEU A 136 8.57 6.65 -9.14
N GLU A 137 8.63 6.50 -10.49
CA GLU A 137 9.32 5.43 -11.23
C GLU A 137 10.86 5.57 -11.30
N GLY A 138 11.43 6.47 -10.50
CA GLY A 138 12.86 6.69 -10.41
C GLY A 138 13.48 7.66 -11.39
N ASN A 139 12.64 8.47 -12.08
CA ASN A 139 13.04 9.48 -13.09
C ASN A 139 13.88 8.85 -14.23
N ARG A 140 13.51 7.61 -14.62
CA ARG A 140 14.16 6.85 -15.70
C ARG A 140 13.90 7.52 -17.04
N VAL A 141 12.66 8.01 -17.24
CA VAL A 141 12.19 8.68 -18.46
C VAL A 141 11.58 10.07 -18.15
N LYS A 142 11.38 10.90 -19.19
CA LYS A 142 10.75 12.22 -19.08
C LYS A 142 9.31 12.12 -19.63
N GLY A 143 8.51 13.16 -19.37
CA GLY A 143 7.10 13.28 -19.78
C GLY A 143 6.72 12.83 -21.18
N PRO A 144 7.33 13.38 -22.27
CA PRO A 144 6.94 12.94 -23.64
C PRO A 144 7.17 11.46 -23.92
N GLU A 145 8.26 10.87 -23.37
CA GLU A 145 8.60 9.45 -23.52
C GLU A 145 7.52 8.57 -22.85
N LYS A 146 7.09 8.95 -21.62
CA LYS A 146 6.06 8.26 -20.84
C LYS A 146 4.75 8.23 -21.64
N GLU A 147 4.32 9.41 -22.14
CA GLU A 147 3.10 9.57 -22.92
C GLU A 147 3.12 8.73 -24.19
N GLU A 148 4.26 8.71 -24.91
CA GLU A 148 4.40 7.91 -26.13
C GLU A 148 4.25 6.42 -25.84
N LYS A 149 4.84 5.93 -24.72
CA LYS A 149 4.70 4.53 -24.32
C LYS A 149 3.23 4.17 -24.06
N LEU A 150 2.46 5.06 -23.40
CA LEU A 150 1.03 4.82 -23.16
C LEU A 150 0.24 4.78 -24.46
N ARG A 151 0.43 5.80 -25.33
CA ARG A 151 -0.24 5.89 -26.64
C ARG A 151 0.03 4.65 -27.50
N GLN A 152 1.26 4.09 -27.44
CA GLN A 152 1.61 2.88 -28.19
C GLN A 152 0.94 1.62 -27.61
N ALA A 153 0.78 1.57 -26.27
CA ALA A 153 0.17 0.43 -25.57
C ALA A 153 -1.33 0.31 -25.84
N VAL A 154 -2.05 1.45 -25.90
CA VAL A 154 -3.51 1.44 -26.09
C VAL A 154 -3.87 1.10 -27.54
N LYS A 155 -4.32 -0.14 -27.74
CA LYS A 155 -4.67 -0.68 -29.06
C LYS A 155 -6.14 -0.57 -29.42
N GLN A 156 -7.04 -0.72 -28.42
CA GLN A 156 -8.49 -0.67 -28.68
C GLN A 156 -9.23 0.17 -27.65
N VAL A 157 -10.28 0.87 -28.10
CA VAL A 157 -11.14 1.73 -27.27
C VAL A 157 -12.53 1.14 -27.48
N LEU A 158 -13.09 0.48 -26.45
CA LEU A 158 -14.34 -0.24 -26.59
C LEU A 158 -15.48 0.15 -25.65
N LYS A 159 -16.71 -0.14 -26.11
CA LYS A 159 -17.92 0.04 -25.32
C LYS A 159 -18.00 -1.17 -24.35
N CYS A 160 -18.43 -0.92 -23.11
N CYS A 160 -18.38 -0.90 -23.09
CA CYS A 160 -18.59 -1.98 -22.13
CA CYS A 160 -18.48 -1.94 -22.04
C CYS A 160 -19.78 -1.72 -21.22
C CYS A 160 -19.69 -1.70 -21.12
N ASP A 161 -20.31 -2.79 -20.63
CA ASP A 161 -21.42 -2.72 -19.68
C ASP A 161 -21.15 -3.83 -18.67
N VAL A 162 -20.64 -3.45 -17.48
CA VAL A 162 -20.29 -4.43 -16.43
C VAL A 162 -21.48 -5.26 -15.93
N THR A 163 -22.72 -4.76 -16.15
CA THR A 163 -23.91 -5.48 -15.68
C THR A 163 -24.27 -6.64 -16.63
N GLN A 164 -23.61 -6.74 -17.79
CA GLN A 164 -23.92 -7.78 -18.78
C GLN A 164 -22.99 -8.99 -18.64
N SER A 165 -23.53 -10.23 -18.90
CA SER A 165 -22.72 -11.46 -18.83
C SER A 165 -21.49 -11.38 -19.74
N GLN A 166 -21.62 -10.66 -20.88
CA GLN A 166 -20.55 -10.38 -21.83
C GLN A 166 -20.37 -8.86 -21.76
N PRO A 167 -19.51 -8.33 -20.85
CA PRO A 167 -19.37 -6.87 -20.73
C PRO A 167 -18.99 -6.17 -22.03
N LEU A 168 -18.25 -6.85 -22.92
CA LEU A 168 -17.82 -6.26 -24.20
C LEU A 168 -18.76 -6.58 -25.38
N GLY A 169 -19.97 -7.05 -25.06
CA GLY A 169 -20.99 -7.39 -26.06
C GLY A 169 -20.52 -8.47 -27.00
N ALA A 170 -20.58 -8.20 -28.31
CA ALA A 170 -20.18 -9.13 -29.36
C ALA A 170 -18.68 -9.02 -29.74
N VAL A 171 -17.93 -8.08 -29.13
CA VAL A 171 -16.52 -7.87 -29.43
C VAL A 171 -15.65 -8.98 -28.82
N PRO A 172 -14.96 -9.79 -29.65
CA PRO A 172 -14.12 -10.85 -29.09
C PRO A 172 -12.74 -10.33 -28.70
N LEU A 173 -12.22 -10.80 -27.56
CA LEU A 173 -10.89 -10.45 -27.05
C LEU A 173 -10.23 -11.69 -26.45
N PRO A 174 -8.87 -11.81 -26.51
CA PRO A 174 -8.21 -12.93 -25.83
C PRO A 174 -8.41 -12.79 -24.31
N PRO A 175 -8.43 -13.89 -23.50
CA PRO A 175 -8.55 -13.70 -22.04
C PRO A 175 -7.38 -12.84 -21.54
N ALA A 176 -7.71 -11.81 -20.73
CA ALA A 176 -6.73 -10.85 -20.23
C ALA A 176 -5.89 -11.41 -19.08
N ASP A 177 -4.68 -10.84 -18.91
CA ASP A 177 -3.77 -11.19 -17.81
C ASP A 177 -4.20 -10.39 -16.56
N CYS A 178 -4.83 -9.21 -16.80
CA CYS A 178 -5.27 -8.33 -15.71
C CYS A 178 -6.51 -7.54 -16.12
N VAL A 179 -7.44 -7.37 -15.17
CA VAL A 179 -8.63 -6.51 -15.36
C VAL A 179 -8.51 -5.42 -14.28
N LEU A 180 -8.47 -4.15 -14.72
CA LEU A 180 -8.33 -3.02 -13.79
C LEU A 180 -9.63 -2.20 -13.79
N SER A 181 -10.07 -1.71 -12.62
CA SER A 181 -11.27 -0.87 -12.60
C SER A 181 -11.18 0.15 -11.48
N THR A 182 -11.04 1.44 -11.84
CA THR A 182 -10.93 2.50 -10.84
C THR A 182 -12.20 3.36 -10.79
N LEU A 183 -12.78 3.52 -9.59
CA LEU A 183 -13.96 4.39 -9.34
C LEU A 183 -15.15 4.17 -10.29
N CYS A 184 -15.37 2.90 -10.70
CA CYS A 184 -16.46 2.55 -11.62
C CYS A 184 -17.58 1.74 -11.00
N LEU A 185 -17.24 0.56 -10.44
CA LEU A 185 -18.22 -0.40 -9.95
C LEU A 185 -19.25 0.18 -8.97
N ASP A 186 -18.83 1.03 -8.01
CA ASP A 186 -19.77 1.65 -7.06
C ASP A 186 -20.84 2.45 -7.82
N ALA A 187 -20.43 3.15 -8.88
CA ALA A 187 -21.31 4.00 -9.69
C ALA A 187 -22.16 3.18 -10.68
N ALA A 188 -21.65 2.01 -11.12
CA ALA A 188 -22.35 1.20 -12.12
C ALA A 188 -23.36 0.20 -11.56
N CYS A 189 -23.25 -0.16 -10.26
CA CYS A 189 -24.07 -1.19 -9.64
C CYS A 189 -25.11 -0.65 -8.66
N PRO A 190 -26.44 -0.85 -8.95
CA PRO A 190 -27.48 -0.29 -8.06
C PRO A 190 -27.66 -1.00 -6.73
N ASP A 191 -27.18 -2.24 -6.59
CA ASP A 191 -27.31 -3.01 -5.35
C ASP A 191 -26.19 -4.03 -5.20
N LEU A 192 -26.05 -4.60 -3.98
CA LEU A 192 -25.02 -5.60 -3.67
C LEU A 192 -25.08 -6.86 -4.60
N PRO A 193 -26.27 -7.46 -4.91
CA PRO A 193 -26.26 -8.60 -5.85
C PRO A 193 -25.71 -8.25 -7.25
N THR A 194 -26.06 -7.06 -7.79
CA THR A 194 -25.55 -6.61 -9.11
C THR A 194 -24.01 -6.42 -9.02
N TYR A 195 -23.52 -5.88 -7.89
CA TYR A 195 -22.09 -5.65 -7.67
C TYR A 195 -21.33 -6.99 -7.76
N CYS A 196 -21.82 -8.01 -7.03
CA CYS A 196 -21.23 -9.34 -7.07
C CYS A 196 -21.30 -9.92 -8.48
N ARG A 197 -22.46 -9.77 -9.16
CA ARG A 197 -22.61 -10.25 -10.54
C ARG A 197 -21.63 -9.53 -11.48
N ALA A 198 -21.43 -8.21 -11.28
CA ALA A 198 -20.49 -7.42 -12.12
C ALA A 198 -19.08 -7.96 -11.98
N LEU A 199 -18.66 -8.35 -10.74
CA LEU A 199 -17.34 -8.93 -10.50
C LEU A 199 -17.21 -10.27 -11.25
N ARG A 200 -18.29 -11.07 -11.28
CA ARG A 200 -18.30 -12.35 -12.02
C ARG A 200 -18.19 -12.04 -13.51
N ASN A 201 -18.96 -11.04 -14.00
CA ASN A 201 -18.96 -10.62 -15.41
C ASN A 201 -17.56 -10.18 -15.84
N LEU A 202 -16.83 -9.45 -14.95
CA LEU A 202 -15.45 -9.02 -15.24
C LEU A 202 -14.53 -10.23 -15.29
N GLY A 203 -14.79 -11.24 -14.44
CA GLY A 203 -14.03 -12.49 -14.39
C GLY A 203 -14.04 -13.25 -15.70
N SER A 204 -15.17 -13.19 -16.45
CA SER A 204 -15.30 -13.84 -17.77
C SER A 204 -14.25 -13.32 -18.78
N LEU A 205 -13.71 -12.09 -18.56
CA LEU A 205 -12.70 -11.47 -19.43
C LEU A 205 -11.28 -11.83 -19.03
N LEU A 206 -11.14 -12.52 -17.88
CA LEU A 206 -9.87 -12.86 -17.30
C LEU A 206 -9.50 -14.32 -17.49
N LYS A 207 -8.21 -14.57 -17.71
CA LYS A 207 -7.66 -15.91 -17.82
C LYS A 207 -7.67 -16.53 -16.39
N PRO A 208 -7.70 -17.90 -16.24
CA PRO A 208 -7.59 -18.48 -14.88
C PRO A 208 -6.26 -18.02 -14.24
N GLY A 209 -6.33 -17.62 -12.97
CA GLY A 209 -5.18 -17.09 -12.25
C GLY A 209 -4.84 -15.65 -12.60
N GLY A 210 -5.67 -15.03 -13.46
CA GLY A 210 -5.51 -13.64 -13.88
C GLY A 210 -5.79 -12.71 -12.71
N PHE A 211 -5.24 -11.50 -12.76
CA PHE A 211 -5.37 -10.52 -11.68
C PHE A 211 -6.55 -9.56 -11.88
N LEU A 212 -7.22 -9.23 -10.77
CA LEU A 212 -8.32 -8.26 -10.73
C LEU A 212 -7.82 -7.12 -9.82
N VAL A 213 -7.76 -5.88 -10.34
CA VAL A 213 -7.31 -4.73 -9.56
C VAL A 213 -8.47 -3.74 -9.46
N ILE A 214 -8.96 -3.46 -8.24
CA ILE A 214 -10.08 -2.54 -8.05
C ILE A 214 -9.70 -1.47 -7.04
N MET A 215 -10.04 -0.20 -7.34
CA MET A 215 -9.86 0.93 -6.42
C MET A 215 -11.16 1.70 -6.50
N ASP A 216 -11.81 1.97 -5.36
CA ASP A 216 -13.11 2.65 -5.39
C ASP A 216 -13.42 3.29 -4.05
N ALA A 217 -14.52 4.06 -4.01
CA ALA A 217 -14.91 4.78 -2.80
C ALA A 217 -15.58 3.85 -1.78
N LEU A 218 -15.39 4.14 -0.49
CA LEU A 218 -16.07 3.36 0.54
C LEU A 218 -17.25 4.19 1.06
N LYS A 219 -18.40 3.53 1.31
CA LYS A 219 -19.61 4.11 1.90
C LYS A 219 -20.02 5.44 1.25
N SER A 220 -20.03 5.49 -0.09
CA SER A 220 -20.42 6.70 -0.83
C SER A 220 -21.76 6.43 -1.49
N SER A 221 -22.79 7.29 -1.24
CA SER A 221 -24.09 7.09 -1.88
C SER A 221 -24.31 8.02 -3.08
N TYR A 222 -23.38 8.97 -3.30
CA TYR A 222 -23.43 9.88 -4.46
C TYR A 222 -22.10 10.56 -4.72
N TYR A 223 -21.96 11.13 -5.92
CA TYR A 223 -20.83 11.96 -6.33
C TYR A 223 -21.34 12.98 -7.32
N MET A 224 -20.71 14.17 -7.31
CA MET A 224 -21.13 15.31 -8.11
C MET A 224 -20.16 15.68 -9.21
N ILE A 225 -20.70 16.20 -10.32
CA ILE A 225 -19.91 16.79 -11.41
C ILE A 225 -20.61 18.14 -11.59
N GLY A 226 -20.12 19.15 -10.86
CA GLY A 226 -20.76 20.46 -10.81
C GLY A 226 -22.11 20.29 -10.14
N GLU A 227 -23.19 20.74 -10.80
CA GLU A 227 -24.54 20.60 -10.24
C GLU A 227 -25.15 19.20 -10.50
N GLN A 228 -24.51 18.40 -11.36
CA GLN A 228 -25.04 17.08 -11.71
C GLN A 228 -24.72 16.02 -10.66
N LYS A 229 -25.76 15.38 -10.12
CA LYS A 229 -25.61 14.33 -9.13
C LYS A 229 -25.63 12.95 -9.80
N PHE A 230 -24.78 12.03 -9.30
CA PHE A 230 -24.74 10.63 -9.77
C PHE A 230 -24.83 9.74 -8.54
N SER A 231 -25.59 8.65 -8.65
CA SER A 231 -25.74 7.69 -7.55
C SER A 231 -24.44 6.87 -7.37
N SER A 232 -24.26 6.32 -6.18
CA SER A 232 -23.16 5.42 -5.88
C SER A 232 -23.68 4.41 -4.86
N LEU A 233 -23.23 3.17 -4.98
CA LEU A 233 -23.60 2.09 -4.05
C LEU A 233 -22.72 2.22 -2.78
N PRO A 234 -23.32 2.52 -1.61
CA PRO A 234 -22.50 2.73 -0.42
C PRO A 234 -22.10 1.40 0.20
N LEU A 235 -20.87 0.95 -0.09
CA LEU A 235 -20.33 -0.32 0.40
C LEU A 235 -19.20 -0.12 1.37
N GLY A 236 -19.19 -0.94 2.42
CA GLY A 236 -18.11 -0.96 3.39
C GLY A 236 -17.08 -2.01 2.96
N ARG A 237 -15.89 -1.98 3.58
CA ARG A 237 -14.81 -2.92 3.26
C ARG A 237 -15.22 -4.41 3.36
N GLU A 238 -16.05 -4.75 4.37
CA GLU A 238 -16.50 -6.14 4.58
C GLU A 238 -17.36 -6.64 3.40
N ALA A 239 -18.28 -5.78 2.89
CA ALA A 239 -19.16 -6.13 1.76
C ALA A 239 -18.36 -6.28 0.46
N VAL A 240 -17.32 -5.43 0.28
CA VAL A 240 -16.45 -5.48 -0.90
C VAL A 240 -15.70 -6.83 -0.88
N GLU A 241 -15.02 -7.14 0.24
CA GLU A 241 -14.29 -8.40 0.42
C GLU A 241 -15.19 -9.62 0.18
N ALA A 242 -16.39 -9.65 0.81
CA ALA A 242 -17.34 -10.76 0.66
C ALA A 242 -17.78 -10.94 -0.82
N ALA A 243 -18.10 -9.83 -1.53
CA ALA A 243 -18.51 -9.89 -2.93
C ALA A 243 -17.41 -10.46 -3.85
N VAL A 244 -16.14 -10.05 -3.62
CA VAL A 244 -14.97 -10.51 -4.38
C VAL A 244 -14.79 -12.04 -4.17
N LYS A 245 -14.91 -12.51 -2.89
CA LYS A 245 -14.79 -13.96 -2.62
C LYS A 245 -15.96 -14.75 -3.22
N GLU A 246 -17.19 -14.20 -3.11
CA GLU A 246 -18.41 -14.81 -3.66
C GLU A 246 -18.28 -14.94 -5.19
N ALA A 247 -17.68 -13.93 -5.84
CA ALA A 247 -17.50 -13.86 -7.30
C ALA A 247 -16.41 -14.81 -7.86
N GLY A 248 -15.76 -15.59 -6.98
CA GLY A 248 -14.74 -16.55 -7.40
C GLY A 248 -13.30 -16.07 -7.51
N TYR A 249 -12.88 -15.13 -6.61
CA TYR A 249 -11.49 -14.63 -6.54
C TYR A 249 -10.88 -14.89 -5.17
N THR A 250 -9.53 -14.83 -5.08
CA THR A 250 -8.81 -14.86 -3.80
C THR A 250 -8.09 -13.53 -3.66
N ILE A 251 -8.27 -12.86 -2.52
CA ILE A 251 -7.67 -11.55 -2.28
C ILE A 251 -6.19 -11.68 -1.88
N GLU A 252 -5.30 -10.94 -2.58
CA GLU A 252 -3.85 -10.93 -2.30
C GLU A 252 -3.58 -9.85 -1.23
N TRP A 253 -4.17 -8.65 -1.39
CA TRP A 253 -4.05 -7.57 -0.40
C TRP A 253 -5.22 -6.62 -0.51
N PHE A 254 -5.51 -5.91 0.60
CA PHE A 254 -6.65 -5.00 0.69
C PHE A 254 -6.19 -3.81 1.55
N GLU A 255 -6.30 -2.58 1.00
CA GLU A 255 -5.90 -1.35 1.68
C GLU A 255 -7.07 -0.41 1.79
N VAL A 256 -7.19 0.27 2.93
CA VAL A 256 -8.23 1.27 3.12
C VAL A 256 -7.50 2.56 3.50
N ILE A 257 -7.85 3.68 2.85
CA ILE A 257 -7.33 5.00 3.21
C ILE A 257 -8.49 5.78 3.79
N SER A 258 -8.23 6.62 4.80
N SER A 258 -8.23 6.62 4.80
CA SER A 258 -9.28 7.40 5.45
CA SER A 258 -9.29 7.38 5.45
C SER A 258 -9.68 8.63 4.64
C SER A 258 -9.65 8.68 4.70
N GLN A 259 -8.76 9.14 3.78
CA GLN A 259 -8.98 10.37 2.98
C GLN A 259 -10.24 10.33 2.13
N SER A 260 -11.16 11.31 2.36
CA SER A 260 -12.41 11.42 1.61
C SER A 260 -12.33 12.57 0.60
N TYR A 261 -13.25 12.59 -0.40
CA TYR A 261 -13.28 13.69 -1.38
C TYR A 261 -13.84 14.93 -0.67
N SER A 262 -13.66 16.13 -1.27
CA SER A 262 -14.18 17.39 -0.71
C SER A 262 -15.68 17.26 -0.47
N SER A 263 -16.21 17.99 0.54
CA SER A 263 -17.63 17.97 0.93
C SER A 263 -18.58 18.30 -0.23
N THR A 264 -18.10 19.13 -1.16
CA THR A 264 -18.88 19.59 -2.32
C THR A 264 -18.99 18.53 -3.44
N MET A 265 -18.21 17.43 -3.36
CA MET A 265 -18.15 16.39 -4.39
C MET A 265 -18.88 15.09 -4.04
N ALA A 266 -18.70 14.58 -2.81
CA ALA A 266 -19.26 13.29 -2.41
C ALA A 266 -19.37 13.15 -0.89
N ASN A 267 -19.95 12.02 -0.43
CA ASN A 267 -20.13 11.71 0.99
C ASN A 267 -19.38 10.42 1.38
N ASN A 268 -18.26 10.10 0.68
CA ASN A 268 -17.53 8.86 0.96
C ASN A 268 -16.77 8.86 2.27
N GLU A 269 -16.53 7.66 2.81
CA GLU A 269 -15.73 7.48 4.01
C GLU A 269 -14.47 6.72 3.58
N GLY A 270 -13.59 7.43 2.87
CA GLY A 270 -12.34 6.86 2.37
C GLY A 270 -12.46 6.10 1.07
N LEU A 271 -11.41 5.36 0.75
CA LEU A 271 -11.34 4.56 -0.48
C LEU A 271 -10.64 3.25 -0.17
N PHE A 272 -10.83 2.24 -1.04
CA PHE A 272 -10.10 0.99 -0.87
C PHE A 272 -9.34 0.70 -2.15
N SER A 273 -8.36 -0.17 -2.04
CA SER A 273 -7.60 -0.67 -3.17
C SER A 273 -7.40 -2.16 -2.89
N LEU A 274 -7.62 -3.02 -3.90
CA LEU A 274 -7.40 -4.45 -3.70
C LEU A 274 -6.79 -5.09 -4.95
N VAL A 275 -6.05 -6.19 -4.74
CA VAL A 275 -5.50 -7.01 -5.81
C VAL A 275 -5.98 -8.41 -5.50
N ALA A 276 -6.66 -9.05 -6.46
CA ALA A 276 -7.18 -10.40 -6.27
C ALA A 276 -6.84 -11.25 -7.49
N ARG A 277 -6.92 -12.58 -7.36
CA ARG A 277 -6.67 -13.47 -8.50
C ARG A 277 -7.90 -14.34 -8.74
N LYS A 278 -8.25 -14.55 -10.02
CA LYS A 278 -9.40 -15.37 -10.39
C LYS A 278 -9.11 -16.86 -10.09
N LEU A 279 -10.07 -17.56 -9.45
CA LEU A 279 -9.93 -18.99 -9.16
C LEU A 279 -10.25 -19.86 -10.38
N PHE B 24 3.06 -16.05 28.88
CA PHE B 24 3.67 -15.17 27.88
C PHE B 24 5.17 -14.95 28.17
N THR B 25 6.01 -14.97 27.12
CA THR B 25 7.47 -14.74 27.25
C THR B 25 7.78 -13.43 28.06
N SER B 26 8.51 -13.57 29.20
CA SER B 26 8.88 -12.41 30.02
C SER B 26 9.95 -11.59 29.27
N LYS B 27 9.97 -10.25 29.45
CA LYS B 27 10.94 -9.41 28.72
C LYS B 27 12.41 -9.79 29.01
N ASP B 28 12.74 -10.29 30.23
CA ASP B 28 14.12 -10.71 30.51
C ASP B 28 14.60 -11.87 29.59
N THR B 29 13.64 -12.63 29.00
CA THR B 29 13.94 -13.73 28.06
C THR B 29 14.57 -13.17 26.80
N TYR B 30 14.18 -11.93 26.41
CA TYR B 30 14.77 -11.29 25.25
C TYR B 30 16.23 -10.97 25.45
N LEU B 31 16.61 -10.62 26.68
CA LEU B 31 17.99 -10.26 27.00
C LEU B 31 18.96 -11.44 26.84
N SER B 32 18.53 -12.65 27.26
CA SER B 32 19.33 -13.86 27.27
C SER B 32 19.08 -14.87 26.14
N HIS B 33 17.82 -15.08 25.73
CA HIS B 33 17.46 -16.17 24.78
C HIS B 33 17.16 -15.78 23.35
N PHE B 34 17.11 -14.47 23.04
CA PHE B 34 16.90 -14.02 21.65
C PHE B 34 18.30 -13.95 21.04
N ASN B 35 18.64 -14.91 20.13
CA ASN B 35 19.97 -14.95 19.48
C ASN B 35 19.92 -14.08 18.19
N PRO B 36 20.57 -12.89 18.17
CA PRO B 36 20.47 -12.01 16.99
C PRO B 36 20.94 -12.62 15.69
N ARG B 37 22.10 -13.29 15.72
CA ARG B 37 22.69 -13.92 14.54
C ARG B 37 21.76 -15.01 13.98
N ASP B 38 21.18 -15.85 14.86
CA ASP B 38 20.26 -16.91 14.48
C ASP B 38 18.96 -16.33 13.90
N TYR B 39 18.47 -15.24 14.51
CA TYR B 39 17.26 -14.54 14.03
C TYR B 39 17.46 -14.04 12.58
N LEU B 40 18.62 -13.38 12.32
CA LEU B 40 18.97 -12.86 11.00
C LEU B 40 19.12 -13.98 9.96
N GLU B 41 19.71 -15.12 10.38
CA GLU B 41 19.91 -16.29 9.51
C GLU B 41 18.58 -16.90 9.10
N LYS B 42 17.65 -17.01 10.07
CA LYS B 42 16.34 -17.64 9.89
C LYS B 42 15.34 -16.82 9.09
N TYR B 43 15.35 -15.49 9.24
CA TYR B 43 14.35 -14.66 8.59
C TYR B 43 14.86 -13.67 7.55
N TYR B 44 16.15 -13.26 7.61
CA TYR B 44 16.64 -12.19 6.74
C TYR B 44 17.85 -12.56 5.86
N LYS B 45 18.11 -13.87 5.63
CA LYS B 45 19.23 -14.27 4.77
C LYS B 45 18.96 -13.91 3.28
N PHE B 46 17.65 -13.82 2.92
CA PHE B 46 17.13 -13.41 1.61
C PHE B 46 17.67 -14.26 0.44
N GLU B 53 9.42 -16.56 4.06
CA GLU B 53 10.17 -15.51 4.80
C GLU B 53 10.67 -14.43 3.83
N SER B 54 11.13 -14.81 2.62
CA SER B 54 11.62 -13.85 1.62
C SER B 54 10.47 -13.08 0.96
N GLN B 55 9.31 -13.73 0.76
CA GLN B 55 8.13 -13.08 0.17
C GLN B 55 7.64 -11.97 1.11
N ILE B 56 7.67 -12.25 2.43
CA ILE B 56 7.26 -11.26 3.44
C ILE B 56 8.24 -10.07 3.46
N LEU B 57 9.55 -10.36 3.49
CA LEU B 57 10.60 -9.34 3.48
C LEU B 57 10.46 -8.42 2.27
N LYS B 58 10.18 -8.98 1.07
CA LYS B 58 9.97 -8.20 -0.16
C LYS B 58 8.78 -7.26 0.04
N HIS B 59 7.64 -7.81 0.56
CA HIS B 59 6.46 -6.99 0.81
C HIS B 59 6.75 -5.87 1.81
N LEU B 60 7.42 -6.17 2.93
CA LEU B 60 7.75 -5.13 3.91
C LEU B 60 8.57 -4.00 3.26
N LEU B 61 9.59 -4.36 2.46
CA LEU B 61 10.44 -3.39 1.75
C LEU B 61 9.66 -2.51 0.77
N LYS B 62 8.71 -3.10 0.00
CA LYS B 62 7.86 -2.34 -0.93
C LYS B 62 7.00 -1.34 -0.16
N ASN B 63 6.40 -1.79 0.97
CA ASN B 63 5.56 -0.90 1.81
C ASN B 63 6.36 0.24 2.43
N LEU B 64 7.57 -0.05 2.95
CA LEU B 64 8.42 0.99 3.55
C LEU B 64 8.88 1.99 2.47
N PHE B 65 9.15 1.49 1.23
CA PHE B 65 9.53 2.37 0.11
C PHE B 65 8.35 3.29 -0.21
N LYS B 66 7.12 2.71 -0.30
CA LYS B 66 5.90 3.49 -0.58
C LYS B 66 5.69 4.60 0.47
N ILE B 67 5.78 4.25 1.77
CA ILE B 67 5.58 5.19 2.89
C ILE B 67 6.59 6.34 2.94
N PHE B 68 7.89 6.02 2.84
CA PHE B 68 8.94 7.03 3.00
C PHE B 68 9.40 7.73 1.71
N CYS B 69 9.44 7.01 0.58
CA CYS B 69 9.94 7.64 -0.63
C CYS B 69 8.85 8.11 -1.61
N LEU B 70 7.64 7.53 -1.54
CA LEU B 70 6.56 7.95 -2.44
C LEU B 70 5.54 8.84 -1.71
N GLY B 72 6.84 10.44 0.86
CA GLY B 72 5.67 10.91 1.60
C GLY B 72 5.97 11.31 3.03
N VAL B 73 6.32 10.32 3.88
CA VAL B 73 6.65 10.54 5.31
C VAL B 73 8.13 10.95 5.38
N LYS B 74 8.40 12.17 5.89
CA LYS B 74 9.75 12.75 6.01
C LYS B 74 9.84 13.64 7.27
N GLY B 75 11.07 13.98 7.67
CA GLY B 75 11.32 14.84 8.82
C GLY B 75 12.79 14.88 9.20
N ASP B 76 13.07 15.51 10.33
CA ASP B 76 14.42 15.60 10.84
C ASP B 76 14.78 14.37 11.67
N LEU B 77 13.78 13.76 12.34
CA LEU B 77 14.01 12.64 13.24
C LEU B 77 12.98 11.50 13.16
N LEU B 78 13.49 10.27 12.98
CA LEU B 78 12.71 9.03 13.02
C LEU B 78 13.26 8.17 14.16
N ILE B 79 12.37 7.64 15.01
CA ILE B 79 12.77 6.71 16.07
C ILE B 79 12.26 5.32 15.67
N ASP B 80 13.18 4.35 15.51
CA ASP B 80 12.77 2.96 15.20
C ASP B 80 12.72 2.20 16.53
N ILE B 81 11.52 1.72 16.88
CA ILE B 81 11.20 1.02 18.14
C ILE B 81 11.28 -0.52 17.98
N GLY B 82 12.08 -1.19 18.82
CA GLY B 82 12.21 -2.65 18.76
C GLY B 82 12.91 -3.10 17.49
N SER B 83 13.98 -2.36 17.13
CA SER B 83 14.81 -2.55 15.95
C SER B 83 15.35 -3.98 15.86
N GLY B 84 15.56 -4.61 17.01
CA GLY B 84 16.21 -5.93 17.06
C GLY B 84 17.60 -5.75 16.43
N PRO B 85 18.12 -6.78 15.72
CA PRO B 85 19.44 -6.61 15.07
C PRO B 85 19.30 -6.24 13.59
N THR B 86 18.09 -5.78 13.16
CA THR B 86 17.83 -5.54 11.73
C THR B 86 17.97 -4.08 11.31
N ILE B 87 18.31 -3.90 10.01
CA ILE B 87 18.47 -2.56 9.40
C ILE B 87 17.56 -2.39 8.17
N TYR B 88 16.93 -3.48 7.68
CA TYR B 88 16.09 -3.49 6.49
C TYR B 88 14.97 -2.43 6.53
N GLN B 89 14.39 -2.21 7.73
CA GLN B 89 13.27 -1.28 7.94
C GLN B 89 13.69 0.20 7.87
N LEU B 90 15.01 0.46 7.75
CA LEU B 90 15.58 1.81 7.73
C LEU B 90 16.16 2.22 6.36
N LEU B 91 16.28 1.26 5.43
CA LEU B 91 16.89 1.51 4.11
C LEU B 91 16.18 2.60 3.29
N SER B 92 14.84 2.61 3.26
CA SER B 92 14.14 3.69 2.54
C SER B 92 13.99 4.95 3.42
N ALA B 93 13.87 4.76 4.75
CA ALA B 93 13.73 5.86 5.73
C ALA B 93 14.93 6.82 5.72
N CYS B 94 16.18 6.30 5.50
CA CYS B 94 17.38 7.15 5.50
C CYS B 94 17.38 8.17 4.34
N GLU B 95 16.50 7.98 3.34
CA GLU B 95 16.38 8.91 2.21
C GLU B 95 15.48 10.09 2.58
N SER B 96 14.65 9.93 3.64
CA SER B 96 13.66 10.92 4.08
C SER B 96 13.87 11.55 5.45
N PHE B 97 14.79 11.00 6.24
CA PHE B 97 15.06 11.50 7.59
C PHE B 97 16.52 11.80 7.77
N LYS B 98 16.82 13.03 8.23
CA LYS B 98 18.19 13.50 8.47
C LYS B 98 18.85 12.65 9.56
N GLU B 99 18.10 12.35 10.64
CA GLU B 99 18.59 11.57 11.78
C GLU B 99 17.63 10.40 12.08
N ILE B 100 18.21 9.23 12.36
CA ILE B 100 17.49 8.03 12.73
C ILE B 100 18.06 7.55 14.07
N VAL B 101 17.18 7.27 15.03
CA VAL B 101 17.56 6.70 16.34
C VAL B 101 17.02 5.25 16.37
N VAL B 102 17.91 4.27 16.61
CA VAL B 102 17.54 2.85 16.67
C VAL B 102 17.44 2.41 18.14
N THR B 103 16.39 1.64 18.48
CA THR B 103 16.17 1.26 19.89
C THR B 103 15.72 -0.21 20.04
N ASP B 104 16.02 -0.81 21.20
CA ASP B 104 15.60 -2.18 21.47
C ASP B 104 15.74 -2.49 22.95
N TYR B 105 15.01 -3.51 23.40
CA TYR B 105 15.11 -3.94 24.79
C TYR B 105 16.38 -4.71 25.03
N SER B 106 16.86 -5.47 24.03
CA SER B 106 18.02 -6.34 24.16
C SER B 106 19.36 -5.71 23.82
N ASP B 107 20.31 -5.76 24.78
CA ASP B 107 21.67 -5.25 24.60
C ASP B 107 22.40 -6.06 23.51
N GLN B 108 22.19 -7.40 23.47
CA GLN B 108 22.77 -8.28 22.43
C GLN B 108 22.34 -7.80 21.03
N ASN B 109 21.04 -7.42 20.88
CA ASN B 109 20.55 -6.99 19.57
C ASN B 109 21.23 -5.71 19.14
N LEU B 110 21.31 -4.74 20.05
CA LEU B 110 21.96 -3.45 19.77
C LEU B 110 23.45 -3.62 19.41
N GLN B 111 24.12 -4.61 20.03
CA GLN B 111 25.52 -4.91 19.73
C GLN B 111 25.64 -5.44 18.29
N GLU B 112 24.69 -6.30 17.84
CA GLU B 112 24.66 -6.83 16.47
C GLU B 112 24.44 -5.69 15.46
N LEU B 113 23.49 -4.75 15.79
CA LEU B 113 23.20 -3.56 14.97
C LEU B 113 24.46 -2.73 14.77
N GLU B 114 25.15 -2.40 15.90
CA GLU B 114 26.36 -1.60 15.95
C GLU B 114 27.52 -2.22 15.16
N LYS B 115 27.61 -3.57 15.12
CA LYS B 115 28.61 -4.29 14.32
C LYS B 115 28.42 -3.89 12.83
N TRP B 116 27.14 -3.84 12.35
CA TRP B 116 26.87 -3.42 10.99
C TRP B 116 27.13 -1.94 10.78
N LEU B 117 26.67 -1.09 11.73
CA LEU B 117 26.84 0.36 11.70
C LEU B 117 28.34 0.78 11.62
N LYS B 118 29.20 0.07 12.37
CA LYS B 118 30.64 0.33 12.42
C LYS B 118 31.43 -0.43 11.34
N ALA B 119 30.71 -1.20 10.48
CA ALA B 119 31.25 -2.05 9.41
C ALA B 119 32.32 -3.04 9.96
N ALA B 120 32.01 -3.63 11.14
CA ALA B 120 32.86 -4.58 11.87
C ALA B 120 32.97 -5.92 11.13
N PRO B 121 34.04 -6.74 11.37
CA PRO B 121 34.16 -8.02 10.62
C PRO B 121 33.05 -9.05 10.81
N ALA B 122 32.41 -9.10 12.00
CA ALA B 122 31.35 -10.07 12.29
C ALA B 122 29.92 -9.54 11.95
N ALA B 123 29.84 -8.45 11.16
CA ALA B 123 28.59 -7.81 10.74
C ALA B 123 27.80 -8.70 9.77
N PHE B 124 26.45 -8.71 9.89
CA PHE B 124 25.58 -9.48 8.99
C PHE B 124 25.65 -8.90 7.58
N ASP B 125 25.54 -9.79 6.58
CA ASP B 125 25.56 -9.42 5.17
C ASP B 125 24.16 -9.03 4.69
N TRP B 126 23.90 -7.71 4.62
CA TRP B 126 22.62 -7.14 4.18
C TRP B 126 22.63 -6.80 2.67
N SER B 127 23.79 -7.00 1.98
CA SER B 127 23.96 -6.70 0.55
C SER B 127 22.80 -7.17 -0.37
N PRO B 128 22.18 -8.41 -0.27
CA PRO B 128 21.06 -8.74 -1.18
C PRO B 128 19.80 -7.91 -0.90
N VAL B 129 19.58 -7.52 0.37
CA VAL B 129 18.45 -6.68 0.79
C VAL B 129 18.71 -5.24 0.31
N VAL B 130 19.96 -4.75 0.49
CA VAL B 130 20.39 -3.41 0.06
C VAL B 130 20.21 -3.26 -1.47
N THR B 131 20.60 -4.30 -2.24
CA THR B 131 20.47 -4.33 -3.71
C THR B 131 19.01 -4.24 -4.10
N TYR B 132 18.14 -5.00 -3.39
CA TYR B 132 16.70 -5.03 -3.64
C TYR B 132 16.08 -3.62 -3.48
N VAL B 133 16.45 -2.91 -2.39
CA VAL B 133 15.96 -1.55 -2.13
C VAL B 133 16.45 -0.55 -3.22
N CYS B 134 17.74 -0.66 -3.63
CA CYS B 134 18.30 0.18 -4.69
C CYS B 134 17.51 0.02 -6.00
N ASP B 135 17.07 -1.22 -6.33
CA ASP B 135 16.24 -1.53 -7.51
C ASP B 135 14.87 -0.85 -7.41
N LEU B 136 14.17 -0.99 -6.26
CA LEU B 136 12.85 -0.39 -6.01
C LEU B 136 12.88 1.14 -6.21
N GLU B 137 13.93 1.80 -5.69
CA GLU B 137 14.12 3.25 -5.69
C GLU B 137 14.57 3.87 -7.03
N GLY B 138 14.48 3.09 -8.11
CA GLY B 138 14.81 3.52 -9.46
C GLY B 138 16.26 3.40 -9.89
N ASN B 139 17.08 2.64 -9.12
CA ASN B 139 18.52 2.41 -9.38
C ASN B 139 19.32 3.73 -9.46
N ARG B 140 18.93 4.71 -8.61
CA ARG B 140 19.57 6.03 -8.54
C ARG B 140 20.99 5.89 -7.99
N VAL B 141 21.16 5.02 -6.96
CA VAL B 141 22.44 4.75 -6.30
C VAL B 141 22.77 3.24 -6.32
N LYS B 142 24.02 2.89 -5.98
CA LYS B 142 24.48 1.49 -5.86
C LYS B 142 24.60 1.15 -4.35
N GLY B 143 24.75 -0.15 -4.05
CA GLY B 143 24.87 -0.72 -2.71
C GLY B 143 25.73 0.01 -1.69
N PRO B 144 27.05 0.26 -1.97
CA PRO B 144 27.89 0.97 -0.97
C PRO B 144 27.43 2.38 -0.62
N GLU B 145 26.87 3.13 -1.61
CA GLU B 145 26.35 4.48 -1.42
C GLU B 145 25.12 4.46 -0.49
N LYS B 146 24.20 3.49 -0.72
CA LYS B 146 22.99 3.28 0.08
C LYS B 146 23.37 3.02 1.56
N GLU B 147 24.31 2.08 1.78
CA GLU B 147 24.81 1.71 3.11
C GLU B 147 25.44 2.89 3.83
N GLU B 148 26.25 3.70 3.11
CA GLU B 148 26.90 4.87 3.72
C GLU B 148 25.85 5.90 4.16
N LYS B 149 24.80 6.11 3.35
CA LYS B 149 23.71 7.03 3.72
C LYS B 149 23.02 6.57 5.02
N LEU B 150 22.78 5.24 5.16
CA LEU B 150 22.15 4.71 6.40
C LEU B 150 23.07 4.90 7.61
N ARG B 151 24.37 4.49 7.47
CA ARG B 151 25.36 4.63 8.55
C ARG B 151 25.50 6.08 9.01
N GLN B 152 25.40 7.06 8.08
CA GLN B 152 25.49 8.48 8.43
C GLN B 152 24.23 8.97 9.15
N ALA B 153 23.05 8.42 8.78
CA ALA B 153 21.77 8.79 9.37
C ALA B 153 21.62 8.33 10.82
N VAL B 154 22.10 7.10 11.14
CA VAL B 154 21.97 6.54 12.50
C VAL B 154 22.94 7.23 13.47
N LYS B 155 22.38 8.10 14.32
CA LYS B 155 23.13 8.88 15.29
C LYS B 155 23.20 8.28 16.69
N GLN B 156 22.11 7.59 17.13
CA GLN B 156 22.07 7.00 18.48
C GLN B 156 21.50 5.59 18.47
N VAL B 157 22.03 4.72 19.35
CA VAL B 157 21.60 3.33 19.53
C VAL B 157 21.20 3.24 21.00
N LEU B 158 19.90 3.11 21.27
CA LEU B 158 19.41 3.20 22.64
C LEU B 158 18.60 2.01 23.16
N LYS B 159 18.61 1.83 24.50
CA LYS B 159 17.81 0.83 25.18
C LYS B 159 16.37 1.40 25.25
N CYS B 160 15.38 0.54 25.05
N CYS B 160 15.36 0.54 24.99
CA CYS B 160 13.97 0.95 25.15
CA CYS B 160 13.95 0.94 25.01
C CYS B 160 13.11 -0.14 25.74
C CYS B 160 13.06 -0.15 25.62
N ASP B 161 11.98 0.27 26.32
CA ASP B 161 11.01 -0.65 26.91
C ASP B 161 9.65 -0.03 26.62
N VAL B 162 8.94 -0.56 25.61
CA VAL B 162 7.63 -0.03 25.18
C VAL B 162 6.56 -0.08 26.29
N THR B 163 6.76 -0.96 27.30
CA THR B 163 5.76 -1.08 28.39
C THR B 163 5.92 0.06 29.43
N GLN B 164 6.98 0.87 29.31
CA GLN B 164 7.24 1.96 30.27
C GLN B 164 6.71 3.30 29.78
N SER B 165 6.19 4.16 30.71
CA SER B 165 5.66 5.49 30.34
C SER B 165 6.71 6.34 29.60
N GLN B 166 8.01 6.12 29.96
CA GLN B 166 9.15 6.75 29.30
C GLN B 166 9.90 5.58 28.66
N PRO B 167 9.56 5.18 27.40
CA PRO B 167 10.23 4.01 26.80
C PRO B 167 11.75 4.12 26.78
N LEU B 168 12.30 5.34 26.66
CA LEU B 168 13.75 5.55 26.60
C LEU B 168 14.39 5.84 27.98
N GLY B 169 13.67 5.54 29.06
CA GLY B 169 14.13 5.72 30.43
C GLY B 169 14.48 7.18 30.73
N ALA B 170 15.72 7.42 31.20
CA ALA B 170 16.21 8.75 31.54
C ALA B 170 16.81 9.53 30.33
N VAL B 171 16.94 8.87 29.16
CA VAL B 171 17.53 9.50 27.97
C VAL B 171 16.57 10.53 27.33
N PRO B 172 16.93 11.82 27.31
CA PRO B 172 16.05 12.80 26.66
C PRO B 172 16.30 12.85 25.13
N LEU B 173 15.24 13.00 24.36
CA LEU B 173 15.30 13.14 22.91
C LEU B 173 14.31 14.20 22.44
N PRO B 174 14.59 14.92 21.32
CA PRO B 174 13.59 15.86 20.79
C PRO B 174 12.37 15.08 20.29
N PRO B 175 11.12 15.64 20.34
CA PRO B 175 9.97 14.88 19.82
C PRO B 175 10.22 14.52 18.35
N ALA B 176 9.98 13.25 17.99
CA ALA B 176 10.23 12.74 16.65
C ALA B 176 9.15 13.13 15.65
N ASP B 177 9.53 13.16 14.35
CA ASP B 177 8.60 13.42 13.26
C ASP B 177 7.88 12.09 12.90
N CYS B 178 8.54 10.96 13.18
CA CYS B 178 7.99 9.64 12.89
C CYS B 178 8.49 8.59 13.89
N VAL B 179 7.60 7.67 14.29
CA VAL B 179 7.96 6.52 15.15
C VAL B 179 7.63 5.30 14.30
N LEU B 180 8.63 4.44 14.07
CA LEU B 180 8.46 3.25 13.25
C LEU B 180 8.62 2.01 14.14
N SER B 181 7.80 0.96 13.92
CA SER B 181 7.97 -0.26 14.71
C SER B 181 7.55 -1.47 13.87
N THR B 182 8.52 -2.32 13.52
CA THR B 182 8.22 -3.49 12.69
C THR B 182 8.36 -4.77 13.50
N LEU B 183 7.31 -5.63 13.48
CA LEU B 183 7.30 -6.95 14.13
C LEU B 183 7.75 -6.96 15.61
N CYS B 184 7.43 -5.88 16.36
CA CYS B 184 7.81 -5.76 17.77
C CYS B 184 6.65 -5.86 18.75
N LEU B 185 5.66 -4.96 18.59
CA LEU B 185 4.56 -4.81 19.55
C LEU B 185 3.80 -6.11 19.86
N ASP B 186 3.50 -6.96 18.85
CA ASP B 186 2.81 -8.24 19.10
C ASP B 186 3.62 -9.10 20.08
N ALA B 187 4.94 -9.09 19.92
CA ALA B 187 5.88 -9.88 20.73
C ALA B 187 6.13 -9.26 22.11
N ALA B 188 6.03 -7.92 22.22
CA ALA B 188 6.34 -7.22 23.49
C ALA B 188 5.15 -7.07 24.44
N CYS B 189 3.91 -7.24 23.95
CA CYS B 189 2.70 -7.00 24.75
C CYS B 189 1.93 -8.28 25.09
N PRO B 190 1.79 -8.61 26.40
CA PRO B 190 1.10 -9.87 26.78
C PRO B 190 -0.41 -9.88 26.61
N ASP B 191 -1.04 -8.69 26.53
CA ASP B 191 -2.50 -8.57 26.38
C ASP B 191 -2.89 -7.28 25.68
N LEU B 192 -4.16 -7.19 25.25
CA LEU B 192 -4.70 -6.03 24.54
C LEU B 192 -4.57 -4.70 25.35
N PRO B 193 -4.85 -4.63 26.68
CA PRO B 193 -4.62 -3.35 27.41
C PRO B 193 -3.16 -2.88 27.38
N THR B 194 -2.18 -3.82 27.54
CA THR B 194 -0.75 -3.47 27.48
C THR B 194 -0.40 -2.96 26.07
N TYR B 195 -0.96 -3.59 25.02
CA TYR B 195 -0.74 -3.19 23.63
C TYR B 195 -1.16 -1.74 23.42
N CYS B 196 -2.38 -1.40 23.88
CA CYS B 196 -2.89 -0.04 23.80
C CYS B 196 -1.99 0.93 24.60
N ARG B 197 -1.58 0.52 25.81
CA ARG B 197 -0.69 1.35 26.65
C ARG B 197 0.67 1.57 25.95
N ALA B 198 1.20 0.52 25.29
CA ALA B 198 2.48 0.60 24.57
C ALA B 198 2.39 1.64 23.45
N LEU B 199 1.24 1.67 22.72
CA LEU B 199 1.00 2.66 21.66
C LEU B 199 1.00 4.08 22.23
N ARG B 200 0.40 4.25 23.43
CA ARG B 200 0.38 5.55 24.11
C ARG B 200 1.81 5.93 24.49
N ASN B 201 2.57 4.97 25.05
CA ASN B 201 3.97 5.17 25.46
C ASN B 201 4.84 5.60 24.27
N LEU B 202 4.60 5.00 23.09
CA LEU B 202 5.31 5.38 21.86
C LEU B 202 4.93 6.81 21.44
N GLY B 203 3.65 7.17 21.63
CA GLY B 203 3.13 8.50 21.33
C GLY B 203 3.84 9.61 22.07
N SER B 204 4.28 9.33 23.32
CA SER B 204 5.03 10.31 24.14
C SER B 204 6.35 10.75 23.44
N LEU B 205 6.88 9.92 22.50
CA LEU B 205 8.12 10.23 21.78
C LEU B 205 7.88 10.99 20.49
N LEU B 206 6.59 11.17 20.14
CA LEU B 206 6.17 11.79 18.90
C LEU B 206 5.66 13.20 19.09
N LYS B 207 5.96 14.07 18.10
CA LYS B 207 5.48 15.44 18.09
C LYS B 207 3.97 15.41 17.73
N PRO B 208 3.16 16.43 18.11
CA PRO B 208 1.75 16.45 17.68
C PRO B 208 1.70 16.43 16.15
N GLY B 209 0.82 15.59 15.59
CA GLY B 209 0.71 15.44 14.15
C GLY B 209 1.79 14.55 13.56
N GLY B 210 2.67 14.01 14.42
CA GLY B 210 3.75 13.11 14.02
C GLY B 210 3.18 11.79 13.53
N PHE B 211 3.92 11.07 12.69
CA PHE B 211 3.48 9.82 12.10
C PHE B 211 3.90 8.59 12.90
N LEU B 212 3.01 7.60 12.98
CA LEU B 212 3.25 6.31 13.62
C LEU B 212 3.15 5.27 12.50
N VAL B 213 4.22 4.49 12.27
CA VAL B 213 4.25 3.47 11.21
C VAL B 213 4.45 2.12 11.88
N ILE B 214 3.46 1.22 11.76
CA ILE B 214 3.54 -0.11 12.38
C ILE B 214 3.31 -1.17 11.31
N MET B 215 4.11 -2.23 11.34
CA MET B 215 3.95 -3.41 10.47
C MET B 215 4.14 -4.59 11.39
N ASP B 216 3.19 -5.52 11.42
CA ASP B 216 3.29 -6.66 12.35
C ASP B 216 2.41 -7.81 11.90
N ALA B 217 2.52 -8.94 12.59
CA ALA B 217 1.77 -10.14 12.24
C ALA B 217 0.31 -10.07 12.71
N LEU B 218 -0.60 -10.70 11.94
CA LEU B 218 -1.99 -10.77 12.37
C LEU B 218 -2.26 -12.17 12.94
N LYS B 219 -3.02 -12.24 14.05
CA LYS B 219 -3.45 -13.49 14.68
C LYS B 219 -2.32 -14.53 14.88
N SER B 220 -1.17 -14.07 15.38
CA SER B 220 -0.03 -14.95 15.62
C SER B 220 0.13 -15.10 17.14
N SER B 221 0.16 -16.37 17.66
CA SER B 221 0.33 -16.55 19.10
C SER B 221 1.78 -16.95 19.47
N TYR B 222 2.61 -17.21 18.43
CA TYR B 222 4.03 -17.53 18.64
C TYR B 222 4.86 -17.36 17.38
N TYR B 223 6.19 -17.30 17.55
CA TYR B 223 7.16 -17.30 16.47
C TYR B 223 8.42 -17.99 16.99
N MET B 224 9.14 -18.65 16.08
CA MET B 224 10.31 -19.46 16.41
C MET B 224 11.62 -18.89 15.91
N ILE B 225 12.70 -19.13 16.65
CA ILE B 225 14.07 -18.84 16.22
C ILE B 225 14.77 -20.19 16.46
N GLY B 226 14.78 -21.04 15.44
CA GLY B 226 15.27 -22.41 15.54
C GLY B 226 14.32 -23.15 16.46
N GLU B 227 14.85 -23.78 17.52
CA GLU B 227 14.02 -24.50 18.48
C GLU B 227 13.44 -23.56 19.57
N GLN B 228 13.89 -22.30 19.63
CA GLN B 228 13.43 -21.36 20.64
C GLN B 228 12.07 -20.76 20.28
N LYS B 229 11.09 -20.92 21.17
CA LYS B 229 9.75 -20.36 20.96
C LYS B 229 9.62 -19.01 21.69
N PHE B 230 8.92 -18.06 21.08
CA PHE B 230 8.63 -16.76 21.67
C PHE B 230 7.15 -16.50 21.50
N SER B 231 6.50 -15.98 22.54
CA SER B 231 5.07 -15.67 22.55
C SER B 231 4.77 -14.49 21.62
N SER B 232 3.53 -14.41 21.17
CA SER B 232 3.04 -13.29 20.39
C SER B 232 1.57 -13.10 20.75
N LEU B 233 1.13 -11.84 20.79
CA LEU B 233 -0.26 -11.49 21.09
C LEU B 233 -1.07 -11.67 19.79
N PRO B 234 -2.03 -12.63 19.76
CA PRO B 234 -2.77 -12.86 18.51
C PRO B 234 -3.88 -11.82 18.36
N LEU B 235 -3.62 -10.79 17.53
CA LEU B 235 -4.57 -9.70 17.28
C LEU B 235 -5.04 -9.71 15.84
N GLY B 236 -6.34 -9.43 15.66
CA GLY B 236 -6.95 -9.28 14.35
C GLY B 236 -6.91 -7.82 13.93
N ARG B 237 -7.19 -7.54 12.65
CA ARG B 237 -7.15 -6.17 12.14
C ARG B 237 -8.05 -5.18 12.92
N GLU B 238 -9.23 -5.64 13.36
CA GLU B 238 -10.20 -4.81 14.10
C GLU B 238 -9.61 -4.37 15.46
N ALA B 239 -8.96 -5.30 16.19
CA ALA B 239 -8.36 -5.00 17.50
C ALA B 239 -7.16 -4.05 17.36
N VAL B 240 -6.37 -4.20 16.26
CA VAL B 240 -5.22 -3.32 16.00
C VAL B 240 -5.74 -1.89 15.76
N GLU B 241 -6.70 -1.73 14.83
CA GLU B 241 -7.34 -0.45 14.53
C GLU B 241 -7.92 0.22 15.77
N ALA B 242 -8.71 -0.54 16.57
CA ALA B 242 -9.31 -0.03 17.80
C ALA B 242 -8.25 0.46 18.81
N ALA B 243 -7.17 -0.33 19.03
CA ALA B 243 -6.10 0.06 19.96
C ALA B 243 -5.37 1.37 19.54
N VAL B 244 -5.10 1.53 18.22
CA VAL B 244 -4.46 2.72 17.66
C VAL B 244 -5.37 3.96 17.91
N LYS B 245 -6.70 3.82 17.67
CA LYS B 245 -7.65 4.93 17.90
C LYS B 245 -7.76 5.25 19.40
N GLU B 246 -7.82 4.18 20.24
CA GLU B 246 -7.91 4.33 21.69
C GLU B 246 -6.64 5.05 22.22
N ALA B 247 -5.47 4.76 21.63
CA ALA B 247 -4.20 5.33 22.04
C ALA B 247 -3.97 6.80 21.62
N GLY B 248 -4.98 7.41 20.95
CA GLY B 248 -4.89 8.82 20.56
C GLY B 248 -4.29 9.15 19.21
N TYR B 249 -4.51 8.26 18.19
CA TYR B 249 -4.05 8.48 16.82
C TYR B 249 -5.23 8.46 15.85
N THR B 250 -5.03 9.01 14.64
CA THR B 250 -6.01 8.90 13.54
C THR B 250 -5.33 8.09 12.45
N ILE B 251 -6.03 7.06 11.94
CA ILE B 251 -5.46 6.18 10.91
C ILE B 251 -5.56 6.82 9.52
N GLU B 252 -4.43 6.87 8.79
CA GLU B 252 -4.36 7.41 7.42
C GLU B 252 -4.65 6.26 6.46
N TRP B 253 -3.99 5.11 6.70
CA TRP B 253 -4.25 3.91 5.92
C TRP B 253 -3.86 2.65 6.64
N PHE B 254 -4.49 1.57 6.21
CA PHE B 254 -4.36 0.27 6.82
C PHE B 254 -4.43 -0.75 5.71
N GLU B 255 -3.44 -1.61 5.65
CA GLU B 255 -3.33 -2.65 4.62
C GLU B 255 -3.13 -4.00 5.28
N VAL B 256 -3.77 -5.05 4.72
CA VAL B 256 -3.63 -6.42 5.21
C VAL B 256 -3.19 -7.28 4.04
N ILE B 257 -2.18 -8.15 4.24
CA ILE B 257 -1.74 -9.11 3.24
C ILE B 257 -2.08 -10.48 3.80
N SER B 258 -2.45 -11.41 2.93
N SER B 258 -2.46 -11.41 2.92
CA SER B 258 -2.81 -12.77 3.31
CA SER B 258 -2.83 -12.76 3.33
C SER B 258 -1.59 -13.64 3.61
C SER B 258 -1.61 -13.69 3.55
N GLN B 259 -0.43 -13.32 2.99
CA GLN B 259 0.83 -14.09 3.12
C GLN B 259 1.27 -14.34 4.57
N SER B 260 1.40 -15.62 4.97
CA SER B 260 1.83 -16.01 6.30
C SER B 260 3.29 -16.53 6.29
N TYR B 261 3.97 -16.60 7.46
CA TYR B 261 5.33 -17.17 7.54
C TYR B 261 5.20 -18.68 7.40
N SER B 262 6.32 -19.40 7.24
CA SER B 262 6.28 -20.87 7.15
C SER B 262 5.58 -21.45 8.40
N SER B 263 4.76 -22.52 8.26
CA SER B 263 4.06 -23.09 9.43
C SER B 263 4.98 -23.59 10.55
N THR B 264 6.25 -23.88 10.21
CA THR B 264 7.29 -24.35 11.13
C THR B 264 7.90 -23.17 11.91
N MET B 265 7.58 -21.92 11.51
CA MET B 265 8.17 -20.76 12.17
C MET B 265 7.17 -19.86 12.94
N ALA B 266 5.89 -19.89 12.57
CA ALA B 266 4.83 -19.11 13.23
C ALA B 266 3.46 -19.65 12.82
N ASN B 267 2.38 -19.16 13.45
CA ASN B 267 1.01 -19.55 13.14
C ASN B 267 0.17 -18.31 12.73
N ASN B 268 0.80 -17.31 12.12
CA ASN B 268 0.10 -16.07 11.77
C ASN B 268 -0.86 -16.21 10.61
N GLU B 269 -1.87 -15.31 10.57
CA GLU B 269 -2.82 -15.25 9.47
C GLU B 269 -2.59 -13.89 8.77
N GLY B 270 -1.48 -13.79 8.07
CA GLY B 270 -1.10 -12.58 7.36
C GLY B 270 -0.38 -11.54 8.20
N LEU B 271 -0.27 -10.34 7.64
CA LEU B 271 0.41 -9.22 8.28
C LEU B 271 -0.35 -7.93 7.96
N PHE B 272 -0.15 -6.90 8.77
CA PHE B 272 -0.75 -5.61 8.46
C PHE B 272 0.34 -4.56 8.41
N SER B 273 -0.02 -3.44 7.80
CA SER B 273 0.85 -2.28 7.74
C SER B 273 -0.08 -1.08 7.92
N LEU B 274 0.30 -0.13 8.79
CA LEU B 274 -0.53 1.05 8.97
C LEU B 274 0.28 2.31 9.12
N VAL B 275 -0.33 3.42 8.75
CA VAL B 275 0.24 4.75 8.93
C VAL B 275 -0.83 5.53 9.67
N ALA B 276 -0.47 6.10 10.83
CA ALA B 276 -1.40 6.88 11.64
C ALA B 276 -0.71 8.18 12.06
N ARG B 277 -1.48 9.17 12.50
CA ARG B 277 -0.91 10.43 12.97
C ARG B 277 -1.37 10.67 14.41
N LYS B 278 -0.46 11.17 15.25
CA LYS B 278 -0.79 11.45 16.65
C LYS B 278 -1.74 12.67 16.75
N LEU B 279 -2.79 12.57 17.59
CA LEU B 279 -3.73 13.68 17.82
C LEU B 279 -3.18 14.69 18.82
#